data_5JLE
#
_entry.id   5JLE
#
_cell.length_a   51.540
_cell.length_b   77.152
_cell.length_c   78.693
_cell.angle_alpha   90.000
_cell.angle_beta   90.000
_cell.angle_gamma   90.000
#
_symmetry.space_group_name_H-M   'P 21 21 21'
#
loop_
_entity.id
_entity.type
_entity.pdbx_description
1 polymer 'Histone-lysine N-methyltransferase SETD2'
2 non-polymer 'ZINC ION'
3 non-polymer S-ADENOSYL-L-HOMOCYSTEINE
4 water water
#
_entity_poly.entity_id   1
_entity_poly.type   'polypeptide(L)'
_entity_poly.pdbx_seq_one_letter_code
;SGETSVPPGSALVGPSCVMDDFRDPQRWKECAKQGKMPCYFDLIEENVYLTERKKNKSHRDIKRMQCECTPLSKDERAQG
EIACGEDCLNRLLMIECSSRCPNGDYCSNRRFQRKQHADVEVILTEKKGWGLRAAKDLPSNTFVLEYCGEVLDHKEFKAR
VKEYARNKNIHYYFMALKNDEIIDATQKGNCSRFMNHSCEPNCETQKWTVNGQLRVGFFTTKLVPSGSELTFDYQFQRYG
KEAQKCFCGSANCRGYLGGENRVSIRAAGGKMKKERSRK
;
_entity_poly.pdbx_strand_id   A
#
# COMPACT_ATOMS: atom_id res chain seq x y z
N GLY A 14 -14.35 -4.55 15.52
CA GLY A 14 -15.61 -3.88 15.81
C GLY A 14 -15.74 -2.50 15.16
N PRO A 15 -14.98 -1.53 15.68
CA PRO A 15 -15.00 -0.19 15.07
C PRO A 15 -14.33 -0.22 13.70
N SER A 16 -14.77 0.70 12.82
CA SER A 16 -14.27 0.76 11.46
C SER A 16 -14.42 2.19 10.96
N CYS A 17 -13.73 2.49 9.86
CA CYS A 17 -13.74 3.84 9.30
C CYS A 17 -13.22 3.80 7.87
N VAL A 18 -13.55 4.85 7.12
CA VAL A 18 -13.28 4.90 5.69
C VAL A 18 -12.07 5.79 5.45
N MET A 19 -11.51 5.71 4.23
CA MET A 19 -10.31 6.47 3.87
C MET A 19 -10.44 7.96 4.19
N ASP A 20 -11.62 8.54 3.97
CA ASP A 20 -11.81 9.99 4.10
C ASP A 20 -11.82 10.47 5.55
N ASP A 21 -12.13 9.61 6.52
CA ASP A 21 -12.08 10.01 7.93
C ASP A 21 -10.69 10.47 8.35
N PHE A 22 -9.65 10.16 7.59
CA PHE A 22 -8.29 10.54 7.93
C PHE A 22 -7.88 11.90 7.37
N ARG A 23 -8.74 12.54 6.56
CA ARG A 23 -8.41 13.86 6.04
C ARG A 23 -8.46 14.92 7.13
N ASP A 24 -9.44 14.81 8.05
CA ASP A 24 -9.66 15.83 9.08
C ASP A 24 -8.86 15.50 10.34
N PRO A 25 -7.77 16.24 10.64
CA PRO A 25 -6.91 15.86 11.79
C PRO A 25 -7.57 15.95 13.15
N GLN A 26 -8.22 17.08 13.43
CA GLN A 26 -8.80 17.28 14.76
C GLN A 26 -9.94 16.31 15.02
N ARG A 27 -10.80 16.06 14.02
CA ARG A 27 -11.84 15.05 14.20
C ARG A 27 -11.25 13.66 14.40
N TRP A 28 -10.08 13.41 13.80
CA TRP A 28 -9.41 12.11 13.90
C TRP A 28 -8.87 11.89 15.32
N LYS A 29 -8.15 12.89 15.85
CA LYS A 29 -7.59 12.76 17.20
C LYS A 29 -8.69 12.59 18.25
N GLU A 30 -9.87 13.17 18.02
CA GLU A 30 -10.99 12.95 18.94
C GLU A 30 -11.56 11.54 18.79
N CYS A 31 -11.72 11.06 17.55
CA CYS A 31 -12.12 9.66 17.37
C CYS A 31 -11.10 8.70 17.96
N ALA A 32 -9.81 8.99 17.77
CA ALA A 32 -8.76 8.17 18.38
C ALA A 32 -8.81 8.26 19.90
N LYS A 33 -9.04 9.46 20.44
CA LYS A 33 -9.15 9.63 21.88
C LYS A 33 -10.19 8.70 22.48
N GLN A 34 -11.19 8.30 21.70
CA GLN A 34 -12.22 7.38 22.13
C GLN A 34 -12.01 5.95 21.65
N GLY A 35 -11.02 5.70 20.81
CA GLY A 35 -10.82 4.36 20.29
C GLY A 35 -11.67 3.96 19.10
N LYS A 36 -12.11 4.93 18.29
CA LYS A 36 -12.89 4.61 17.11
C LYS A 36 -12.08 4.71 15.83
N MET A 37 -10.82 5.16 15.92
CA MET A 37 -9.86 5.23 14.83
C MET A 37 -8.47 5.00 15.39
N PRO A 38 -7.53 4.53 14.56
CA PRO A 38 -6.16 4.30 15.07
C PRO A 38 -5.49 5.60 15.48
N CYS A 39 -4.35 5.44 16.17
CA CYS A 39 -3.60 6.57 16.69
C CYS A 39 -3.11 7.46 15.55
N TYR A 40 -2.98 8.75 15.85
CA TYR A 40 -2.61 9.73 14.82
C TYR A 40 -1.25 9.42 14.21
N PHE A 41 -1.12 9.70 12.91
CA PHE A 41 0.16 9.76 12.21
C PHE A 41 0.04 10.83 11.11
N ASP A 42 1.17 11.23 10.54
CA ASP A 42 1.21 12.22 9.47
C ASP A 42 0.75 11.57 8.16
N LEU A 43 -0.40 11.97 7.66
CA LEU A 43 -0.90 11.48 6.39
C LEU A 43 -0.23 12.23 5.24
N ILE A 44 0.36 11.50 4.30
CA ILE A 44 1.05 12.08 3.16
C ILE A 44 0.59 11.36 1.91
N GLU A 45 0.88 11.97 0.75
CA GLU A 45 0.37 11.54 -0.54
C GLU A 45 1.40 10.89 -1.43
N GLU A 46 2.68 11.08 -1.15
CA GLU A 46 3.78 10.53 -1.92
C GLU A 46 4.95 10.36 -0.98
N ASN A 47 5.92 9.56 -1.42
CA ASN A 47 7.06 9.30 -0.56
C ASN A 47 7.84 10.58 -0.30
N VAL A 48 8.41 10.66 0.90
CA VAL A 48 9.24 11.78 1.33
C VAL A 48 10.63 11.24 1.58
N TYR A 49 11.62 11.76 0.85
CA TYR A 49 12.99 11.30 0.99
C TYR A 49 13.66 12.07 2.11
N LEU A 50 14.23 11.34 3.08
CA LEU A 50 14.96 11.98 4.16
C LEU A 50 16.27 12.58 3.67
N THR A 51 16.89 11.96 2.65
CA THR A 51 18.01 12.55 1.93
C THR A 51 17.82 12.30 0.44
N GLU A 52 17.66 13.38 -0.33
CA GLU A 52 17.39 13.33 -1.77
C GLU A 52 18.54 12.69 -2.56
N MET A 65 10.20 7.89 -21.47
CA MET A 65 9.76 7.70 -22.84
C MET A 65 8.36 7.06 -22.97
N GLN A 66 7.82 7.06 -24.18
CA GLN A 66 6.44 6.71 -24.48
C GLN A 66 6.29 5.20 -24.72
N CYS A 67 5.02 4.76 -24.74
CA CYS A 67 4.68 3.40 -25.11
C CYS A 67 4.21 3.38 -26.57
N GLU A 68 3.77 2.21 -27.01
CA GLU A 68 3.40 1.98 -28.40
C GLU A 68 1.91 1.72 -28.59
N CYS A 69 1.11 1.79 -27.52
CA CYS A 69 -0.31 1.52 -27.64
C CYS A 69 -0.94 2.44 -28.67
N THR A 70 -1.69 1.86 -29.59
CA THR A 70 -2.47 2.65 -30.53
C THR A 70 -3.52 3.45 -29.76
N PRO A 71 -3.61 4.76 -30.01
CA PRO A 71 -4.62 5.55 -29.29
C PRO A 71 -6.01 5.05 -29.59
N LEU A 72 -6.88 5.12 -28.59
CA LEU A 72 -8.22 4.61 -28.74
C LEU A 72 -9.12 5.70 -29.30
N SER A 73 -10.00 5.30 -30.22
CA SER A 73 -11.02 6.21 -30.75
C SER A 73 -12.12 6.42 -29.72
N LYS A 74 -12.99 7.41 -29.99
CA LYS A 74 -14.05 7.75 -29.06
C LYS A 74 -15.11 6.65 -28.99
N ASP A 75 -15.33 5.93 -30.08
CA ASP A 75 -16.29 4.84 -30.07
C ASP A 75 -15.83 3.73 -29.13
N GLU A 76 -14.63 3.18 -29.40
CA GLU A 76 -14.10 2.13 -28.54
C GLU A 76 -13.93 2.59 -27.10
N ARG A 77 -13.60 3.87 -26.90
CA ARG A 77 -13.66 4.44 -25.56
C ARG A 77 -15.07 4.33 -24.98
N ALA A 78 -16.07 4.82 -25.72
CA ALA A 78 -17.43 4.87 -25.21
C ALA A 78 -18.02 3.49 -24.98
N GLN A 79 -17.60 2.49 -25.77
CA GLN A 79 -18.14 1.14 -25.65
C GLN A 79 -17.28 0.22 -24.78
N GLY A 80 -16.28 0.77 -24.08
CA GLY A 80 -15.58 0.04 -23.04
C GLY A 80 -14.30 -0.69 -23.41
N GLU A 81 -13.36 -0.01 -24.08
CA GLU A 81 -12.05 -0.58 -24.35
C GLU A 81 -11.03 0.00 -23.39
N ILE A 82 -10.22 -0.88 -22.79
CA ILE A 82 -9.14 -0.44 -21.91
C ILE A 82 -8.06 0.21 -22.76
N ALA A 83 -7.76 1.48 -22.46
CA ALA A 83 -6.58 2.12 -23.01
C ALA A 83 -5.35 1.69 -22.20
N CYS A 84 -4.30 1.24 -22.91
CA CYS A 84 -3.08 0.70 -22.31
C CYS A 84 -3.39 -0.53 -21.45
N GLY A 85 -3.86 -1.58 -22.14
CA GLY A 85 -4.27 -2.81 -21.50
C GLY A 85 -3.08 -3.64 -21.06
N GLU A 86 -3.27 -4.97 -21.04
CA GLU A 86 -2.19 -5.84 -20.59
C GLU A 86 -1.07 -5.99 -21.61
N ASP A 87 -1.26 -5.51 -22.84
CA ASP A 87 -0.22 -5.57 -23.85
C ASP A 87 0.51 -4.24 -24.00
N CYS A 88 0.39 -3.37 -23.01
CA CYS A 88 1.09 -2.09 -23.04
C CYS A 88 2.53 -2.27 -22.57
N LEU A 89 3.45 -1.67 -23.33
CA LEU A 89 4.88 -1.88 -23.09
C LEU A 89 5.32 -1.29 -21.75
N ASN A 90 4.81 -0.11 -21.39
CA ASN A 90 5.04 0.40 -20.04
C ASN A 90 4.46 -0.55 -18.99
N ARG A 91 3.21 -0.98 -19.17
CA ARG A 91 2.59 -1.84 -18.17
C ARG A 91 3.37 -3.14 -18.00
N LEU A 92 3.94 -3.65 -19.10
CA LEU A 92 4.66 -4.91 -19.01
C LEU A 92 5.90 -4.79 -18.16
N LEU A 93 6.66 -3.70 -18.34
CA LEU A 93 7.85 -3.45 -17.52
C LEU A 93 7.51 -2.82 -16.17
N MET A 94 6.26 -2.83 -15.76
CA MET A 94 5.82 -2.19 -14.53
C MET A 94 6.36 -0.76 -14.44
N ILE A 95 6.25 -0.06 -15.55
CA ILE A 95 6.43 1.38 -15.67
C ILE A 95 5.05 1.98 -15.84
N GLU A 96 4.82 3.15 -15.27
CA GLU A 96 3.58 3.87 -15.50
C GLU A 96 3.75 4.89 -16.62
N CYS A 97 2.67 5.13 -17.37
CA CYS A 97 2.69 6.14 -18.41
C CYS A 97 2.72 7.54 -17.80
N SER A 98 3.16 8.49 -18.59
CA SER A 98 3.16 9.88 -18.15
C SER A 98 2.02 10.63 -18.84
N SER A 99 2.10 11.98 -18.74
CA SER A 99 1.18 12.87 -19.46
C SER A 99 1.16 12.61 -20.97
N ARG A 100 2.31 12.38 -21.57
CA ARG A 100 2.39 12.36 -23.03
C ARG A 100 1.94 11.05 -23.67
N CYS A 101 1.37 10.11 -22.89
CA CYS A 101 0.93 8.81 -23.39
C CYS A 101 0.06 8.94 -24.65
N PRO A 102 0.11 7.97 -25.56
CA PRO A 102 -0.74 8.01 -26.76
C PRO A 102 -2.24 8.01 -26.48
N ASN A 103 -2.68 7.62 -25.29
CA ASN A 103 -4.08 7.63 -24.96
C ASN A 103 -4.46 8.78 -24.05
N GLY A 104 -3.50 9.65 -23.72
CA GLY A 104 -3.74 10.80 -22.86
C GLY A 104 -4.57 10.50 -21.62
N ASP A 105 -5.79 11.00 -21.62
CA ASP A 105 -6.63 10.88 -20.42
C ASP A 105 -7.24 9.49 -20.25
N TYR A 106 -7.39 8.72 -21.33
CA TYR A 106 -7.96 7.38 -21.24
C TYR A 106 -7.02 6.38 -20.56
N CYS A 107 -5.75 6.71 -20.37
CA CYS A 107 -4.75 5.73 -19.95
C CYS A 107 -5.11 5.07 -18.62
N SER A 108 -5.36 3.75 -18.65
CA SER A 108 -5.57 3.03 -17.40
C SER A 108 -4.27 2.69 -16.67
N ASN A 109 -3.10 2.92 -17.28
CA ASN A 109 -1.81 2.66 -16.65
C ASN A 109 -1.25 3.87 -15.92
N ARG A 110 -2.06 4.63 -15.20
CA ARG A 110 -1.49 5.71 -14.39
C ARG A 110 -2.09 5.66 -13.00
N ARG A 111 -2.22 4.44 -12.47
CA ARG A 111 -2.96 4.20 -11.24
C ARG A 111 -2.30 4.83 -10.02
N PHE A 112 -0.97 4.75 -9.90
CA PHE A 112 -0.29 5.40 -8.78
C PHE A 112 -0.48 6.91 -8.78
N GLN A 113 -0.33 7.53 -9.94
CA GLN A 113 -0.36 8.99 -10.02
C GLN A 113 -1.76 9.53 -9.80
N ARG A 114 -2.78 8.85 -10.30
CA ARG A 114 -4.17 9.27 -10.14
C ARG A 114 -4.79 8.83 -8.83
N LYS A 115 -4.02 8.22 -7.93
CA LYS A 115 -4.53 7.66 -6.68
C LYS A 115 -5.80 6.84 -6.92
N GLN A 116 -5.79 6.00 -7.96
CA GLN A 116 -6.94 5.13 -8.26
C GLN A 116 -6.94 3.91 -7.33
N HIS A 117 -7.14 4.18 -6.04
CA HIS A 117 -7.10 3.14 -5.02
C HIS A 117 -8.45 2.45 -4.90
N ALA A 118 -8.41 1.16 -4.54
CA ALA A 118 -9.62 0.40 -4.33
C ALA A 118 -10.34 0.89 -3.08
N ASP A 119 -11.60 0.49 -2.95
CA ASP A 119 -12.41 0.90 -1.81
C ASP A 119 -12.11 -0.03 -0.64
N VAL A 120 -11.48 0.52 0.39
CA VAL A 120 -11.06 -0.25 1.56
C VAL A 120 -11.42 0.53 2.81
N GLU A 121 -11.58 -0.19 3.90
CA GLU A 121 -11.82 0.43 5.19
C GLU A 121 -10.81 -0.06 6.20
N VAL A 122 -10.54 0.78 7.19
CA VAL A 122 -9.62 0.47 8.26
C VAL A 122 -10.44 0.01 9.47
N ILE A 123 -10.17 -1.21 9.97
CA ILE A 123 -11.02 -1.89 10.94
C ILE A 123 -10.20 -2.47 12.09
N LEU A 124 -10.86 -2.64 13.24
CA LEU A 124 -10.21 -3.22 14.41
C LEU A 124 -10.27 -4.73 14.34
N THR A 125 -9.11 -5.38 14.35
CA THR A 125 -9.04 -6.83 14.42
C THR A 125 -8.97 -7.29 15.87
N GLU A 126 -9.09 -8.62 16.05
CA GLU A 126 -9.17 -9.18 17.39
C GLU A 126 -7.88 -8.96 18.17
N LYS A 127 -6.71 -9.20 17.54
CA LYS A 127 -5.44 -9.03 18.25
C LYS A 127 -4.27 -8.48 17.43
N LYS A 128 -4.41 -8.24 16.13
CA LYS A 128 -3.32 -7.72 15.33
C LYS A 128 -3.26 -6.21 15.32
N GLY A 129 -4.16 -5.55 16.04
CA GLY A 129 -4.35 -4.11 15.91
C GLY A 129 -5.32 -3.77 14.80
N TRP A 130 -5.12 -2.63 14.15
CA TRP A 130 -5.95 -2.21 13.03
C TRP A 130 -5.54 -2.91 11.74
N GLY A 131 -6.48 -2.97 10.80
CA GLY A 131 -6.26 -3.72 9.59
C GLY A 131 -7.05 -3.11 8.44
N LEU A 132 -6.86 -3.67 7.25
CA LEU A 132 -7.59 -3.25 6.07
C LEU A 132 -8.55 -4.34 5.64
N ARG A 133 -9.76 -3.94 5.29
CA ARG A 133 -10.74 -4.86 4.70
C ARG A 133 -11.40 -4.21 3.50
N ALA A 134 -11.70 -5.03 2.50
CA ALA A 134 -12.37 -4.56 1.31
C ALA A 134 -13.78 -4.08 1.62
N ALA A 135 -14.12 -2.88 1.15
CA ALA A 135 -15.49 -2.37 1.23
C ALA A 135 -16.32 -2.74 0.01
N LYS A 136 -15.70 -3.23 -1.06
CA LYS A 136 -16.40 -3.75 -2.23
C LYS A 136 -15.69 -5.02 -2.66
N ASP A 137 -16.30 -5.74 -3.60
CA ASP A 137 -15.60 -6.87 -4.20
C ASP A 137 -14.36 -6.39 -4.95
N LEU A 138 -13.25 -7.12 -4.77
CA LEU A 138 -11.99 -6.76 -5.41
C LEU A 138 -11.57 -7.86 -6.37
N PRO A 139 -11.63 -7.63 -7.69
CA PRO A 139 -11.15 -8.63 -8.65
C PRO A 139 -9.65 -8.87 -8.48
N SER A 140 -9.18 -9.94 -9.12
CA SER A 140 -7.78 -10.29 -9.00
C SER A 140 -6.90 -9.29 -9.73
N ASN A 141 -5.65 -9.17 -9.28
CA ASN A 141 -4.69 -8.18 -9.78
C ASN A 141 -5.34 -6.80 -9.87
N THR A 142 -5.98 -6.40 -8.77
CA THR A 142 -6.53 -5.06 -8.60
C THR A 142 -5.55 -4.23 -7.78
N PHE A 143 -5.33 -2.99 -8.20
CA PHE A 143 -4.50 -2.10 -7.41
C PHE A 143 -5.27 -1.67 -6.15
N VAL A 144 -4.63 -1.83 -5.00
CA VAL A 144 -5.26 -1.55 -3.71
C VAL A 144 -4.85 -0.18 -3.20
N LEU A 145 -3.57 0.01 -2.92
CA LEU A 145 -3.04 1.24 -2.35
C LEU A 145 -1.54 1.30 -2.63
N GLU A 146 -1.02 2.52 -2.67
CA GLU A 146 0.42 2.71 -2.60
C GLU A 146 0.88 2.70 -1.15
N TYR A 147 2.05 2.13 -0.91
CA TYR A 147 2.68 2.14 0.41
C TYR A 147 3.63 3.34 0.49
N CYS A 148 3.19 4.39 1.14
CA CYS A 148 3.98 5.61 1.27
C CYS A 148 4.63 5.69 2.65
N GLY A 149 5.64 6.54 2.73
CA GLY A 149 6.28 6.83 4.00
C GLY A 149 7.59 7.58 3.77
N GLU A 150 8.41 7.60 4.81
CA GLU A 150 9.74 8.18 4.71
C GLU A 150 10.68 7.17 4.07
N VAL A 151 11.50 7.61 3.12
CA VAL A 151 12.51 6.76 2.51
C VAL A 151 13.83 7.01 3.23
N LEU A 152 14.50 5.92 3.63
CA LEU A 152 15.74 5.97 4.40
C LEU A 152 16.82 5.16 3.67
N ASP A 153 18.08 5.55 3.87
CA ASP A 153 19.19 4.69 3.48
C ASP A 153 19.47 3.67 4.60
N HIS A 154 20.46 2.79 4.40
CA HIS A 154 20.70 1.74 5.38
C HIS A 154 21.15 2.29 6.72
N LYS A 155 21.82 3.44 6.73
CA LYS A 155 22.31 4.01 7.98
C LYS A 155 21.16 4.58 8.81
N GLU A 156 20.31 5.39 8.18
CA GLU A 156 19.13 5.91 8.86
C GLU A 156 18.22 4.77 9.33
N PHE A 157 18.09 3.73 8.50
CA PHE A 157 17.21 2.62 8.83
C PHE A 157 17.64 1.94 10.13
N LYS A 158 18.94 1.59 10.22
CA LYS A 158 19.43 0.96 11.44
C LYS A 158 19.36 1.91 12.63
N ALA A 159 19.43 3.22 12.39
CA ALA A 159 19.28 4.20 13.47
C ALA A 159 17.90 4.10 14.09
N ARG A 160 16.86 4.01 13.26
CA ARG A 160 15.50 3.97 13.76
C ARG A 160 15.12 2.60 14.32
N VAL A 161 15.69 1.51 13.77
CA VAL A 161 15.41 0.19 14.33
C VAL A 161 15.73 0.18 15.81
N LYS A 162 16.81 0.87 16.20
CA LYS A 162 17.20 0.99 17.60
C LYS A 162 16.39 2.06 18.34
N GLU A 163 16.07 3.18 17.68
CA GLU A 163 15.15 4.14 18.29
C GLU A 163 13.80 3.50 18.58
N TYR A 164 13.33 2.63 17.68
CA TYR A 164 12.04 2.00 17.88
C TYR A 164 12.09 0.87 18.89
N ALA A 165 13.22 0.16 19.03
CA ALA A 165 13.35 -0.79 20.12
C ALA A 165 13.53 -0.09 21.46
N ARG A 166 14.19 1.07 21.45
CA ARG A 166 14.30 1.87 22.67
C ARG A 166 12.93 2.38 23.13
N ASN A 167 12.06 2.79 22.20
CA ASN A 167 10.73 3.29 22.53
C ASN A 167 9.70 2.18 22.73
N LYS A 168 10.12 0.91 22.71
CA LYS A 168 9.22 -0.22 22.92
C LYS A 168 8.01 -0.17 21.98
N ASN A 169 8.21 0.32 20.76
CA ASN A 169 7.15 0.23 19.76
C ASN A 169 6.71 -1.21 19.61
N ILE A 170 5.43 -1.39 19.31
CA ILE A 170 4.88 -2.71 19.07
C ILE A 170 4.73 -3.00 17.59
N HIS A 171 4.18 -2.05 16.84
CA HIS A 171 4.03 -2.24 15.40
C HIS A 171 5.22 -1.63 14.68
N TYR A 172 5.70 -2.35 13.67
CA TYR A 172 6.78 -1.88 12.80
C TYR A 172 6.27 -1.71 11.37
N TYR A 173 6.84 -0.75 10.66
CA TYR A 173 6.26 -0.27 9.40
C TYR A 173 7.33 -0.08 8.32
N PHE A 174 8.25 -1.05 8.23
CA PHE A 174 9.36 -1.02 7.28
C PHE A 174 9.01 -1.84 6.06
N MET A 175 9.37 -1.32 4.87
CA MET A 175 9.08 -1.97 3.60
C MET A 175 10.26 -1.78 2.67
N ALA A 176 10.83 -2.89 2.19
CA ALA A 176 12.00 -2.81 1.33
C ALA A 176 11.63 -2.25 -0.04
N LEU A 177 12.37 -1.23 -0.49
CA LEU A 177 12.11 -0.56 -1.76
C LEU A 177 13.20 -0.87 -2.78
N LYS A 178 14.42 -0.37 -2.57
CA LYS A 178 15.58 -0.80 -3.35
C LYS A 178 16.79 -0.74 -2.44
N ASN A 179 17.93 -1.21 -2.95
CA ASN A 179 19.18 -1.11 -2.19
C ASN A 179 19.43 0.33 -1.76
N ASP A 180 19.64 0.49 -0.44
CA ASP A 180 19.78 1.79 0.22
C ASP A 180 18.48 2.60 0.21
N GLU A 181 17.32 1.92 0.12
CA GLU A 181 16.01 2.60 0.20
C GLU A 181 15.01 1.68 0.92
N ILE A 182 14.66 2.04 2.14
CA ILE A 182 13.63 1.36 2.91
C ILE A 182 12.56 2.39 3.26
N ILE A 183 11.30 1.98 3.15
CA ILE A 183 10.17 2.86 3.41
C ILE A 183 9.71 2.64 4.84
N ASP A 184 9.52 3.74 5.57
CA ASP A 184 9.21 3.72 6.99
C ASP A 184 7.93 4.52 7.19
N ALA A 185 6.83 3.83 7.45
CA ALA A 185 5.54 4.47 7.64
C ALA A 185 5.15 4.59 9.11
N THR A 186 6.12 4.45 10.02
CA THR A 186 5.81 4.60 11.44
C THR A 186 5.23 5.98 11.75
N GLN A 187 5.82 7.02 11.17
CA GLN A 187 5.44 8.40 11.48
C GLN A 187 4.63 9.04 10.36
N LYS A 188 5.06 8.89 9.12
CA LYS A 188 4.38 9.45 7.95
C LYS A 188 3.98 8.32 7.02
N GLY A 189 2.77 8.39 6.46
CA GLY A 189 2.34 7.39 5.50
C GLY A 189 0.87 7.55 5.13
N ASN A 190 0.29 6.46 4.63
CA ASN A 190 -1.16 6.45 4.42
C ASN A 190 -1.77 5.14 4.94
N CYS A 191 -3.03 4.87 4.60
CA CYS A 191 -3.75 3.75 5.19
C CYS A 191 -3.19 2.38 4.79
N SER A 192 -2.28 2.32 3.82
CA SER A 192 -1.61 1.07 3.49
C SER A 192 -0.78 0.53 4.65
N ARG A 193 -0.35 1.40 5.56
CA ARG A 193 0.38 0.97 6.74
C ARG A 193 -0.44 0.03 7.62
N PHE A 194 -1.76 -0.04 7.44
CA PHE A 194 -2.55 -0.92 8.30
C PHE A 194 -2.65 -2.34 7.75
N MET A 195 -2.20 -2.63 6.53
CA MET A 195 -2.33 -4.00 6.04
C MET A 195 -1.52 -4.97 6.90
N ASN A 196 -2.17 -6.03 7.35
CA ASN A 196 -1.55 -6.98 8.27
C ASN A 196 -0.99 -8.18 7.53
N HIS A 197 -0.16 -8.93 8.23
CA HIS A 197 0.45 -10.12 7.65
C HIS A 197 -0.52 -11.30 7.63
N SER A 198 -0.33 -12.16 6.62
CA SER A 198 -0.90 -13.50 6.63
C SER A 198 0.08 -14.44 5.94
N CYS A 199 0.17 -15.64 6.48
CA CYS A 199 0.86 -16.74 5.83
C CYS A 199 0.07 -17.28 4.63
N GLU A 200 -1.19 -16.92 4.48
CA GLU A 200 -1.99 -17.26 3.30
C GLU A 200 -2.60 -15.98 2.77
N PRO A 201 -1.80 -15.11 2.17
CA PRO A 201 -2.27 -13.77 1.84
C PRO A 201 -3.23 -13.75 0.66
N ASN A 202 -3.87 -12.59 0.48
CA ASN A 202 -4.67 -12.31 -0.71
C ASN A 202 -4.16 -11.05 -1.40
N CYS A 203 -2.95 -10.62 -1.06
CA CYS A 203 -2.32 -9.45 -1.68
C CYS A 203 -0.82 -9.70 -1.80
N GLU A 204 -0.18 -8.84 -2.57
CA GLU A 204 1.26 -8.86 -2.78
C GLU A 204 1.73 -7.43 -3.01
N THR A 205 3.02 -7.21 -2.86
CA THR A 205 3.63 -5.95 -3.22
C THR A 205 4.11 -6.02 -4.66
N GLN A 206 4.00 -4.90 -5.38
CA GLN A 206 4.58 -4.71 -6.71
C GLN A 206 5.30 -3.38 -6.77
N LYS A 207 6.51 -3.39 -7.30
CA LYS A 207 7.32 -2.19 -7.46
C LYS A 207 7.14 -1.62 -8.86
N TRP A 208 6.78 -0.35 -8.94
CA TRP A 208 6.44 0.31 -10.20
C TRP A 208 7.29 1.56 -10.35
N THR A 209 7.73 1.82 -11.58
CA THR A 209 8.49 3.03 -11.87
C THR A 209 7.55 4.13 -12.34
N VAL A 210 7.68 5.31 -11.74
CA VAL A 210 6.85 6.48 -12.02
C VAL A 210 7.81 7.65 -12.14
N ASN A 211 8.00 8.16 -13.36
CA ASN A 211 8.87 9.30 -13.60
C ASN A 211 10.30 9.02 -13.11
N GLY A 212 10.83 7.87 -13.54
CA GLY A 212 12.19 7.49 -13.20
C GLY A 212 12.40 7.03 -11.77
N GLN A 213 11.32 6.84 -11.01
CA GLN A 213 11.44 6.62 -9.59
C GLN A 213 10.55 5.45 -9.19
N LEU A 214 11.08 4.61 -8.31
CA LEU A 214 10.40 3.40 -7.88
C LEU A 214 9.50 3.68 -6.70
N ARG A 215 8.26 3.19 -6.78
CA ARG A 215 7.33 3.10 -5.66
C ARG A 215 6.81 1.67 -5.58
N VAL A 216 6.21 1.35 -4.43
CA VAL A 216 5.68 0.03 -4.19
C VAL A 216 4.21 0.14 -3.79
N GLY A 217 3.38 -0.79 -4.28
CA GLY A 217 1.97 -0.80 -3.93
C GLY A 217 1.47 -2.21 -3.72
N PHE A 218 0.27 -2.31 -3.12
CA PHE A 218 -0.39 -3.58 -2.87
C PHE A 218 -1.36 -3.92 -3.99
N PHE A 219 -1.38 -5.18 -4.39
CA PHE A 219 -2.27 -5.68 -5.41
C PHE A 219 -2.84 -7.00 -4.92
N THR A 220 -4.15 -7.20 -5.09
CA THR A 220 -4.77 -8.46 -4.74
C THR A 220 -4.28 -9.57 -5.66
N THR A 221 -4.02 -10.75 -5.09
CA THR A 221 -3.56 -11.88 -5.89
C THR A 221 -4.69 -12.86 -6.19
N LYS A 222 -5.90 -12.53 -5.78
CA LYS A 222 -7.08 -13.36 -5.99
C LYS A 222 -8.29 -12.50 -5.68
N LEU A 223 -9.47 -12.98 -6.05
CA LEU A 223 -10.67 -12.23 -5.76
C LEU A 223 -10.87 -12.15 -4.25
N VAL A 224 -11.02 -10.94 -3.74
CA VAL A 224 -11.28 -10.67 -2.32
C VAL A 224 -12.74 -10.25 -2.19
N PRO A 225 -13.59 -11.01 -1.50
CA PRO A 225 -14.97 -10.59 -1.32
C PRO A 225 -15.08 -9.42 -0.36
N SER A 226 -16.10 -8.59 -0.57
CA SER A 226 -16.38 -7.48 0.34
C SER A 226 -16.37 -7.95 1.79
N GLY A 227 -15.98 -7.04 2.69
CA GLY A 227 -15.79 -7.40 4.08
C GLY A 227 -14.44 -8.02 4.41
N SER A 228 -13.88 -8.86 3.52
CA SER A 228 -12.69 -9.66 3.84
C SER A 228 -11.47 -8.77 4.16
N GLU A 229 -10.69 -9.19 5.14
CA GLU A 229 -9.49 -8.45 5.50
C GLU A 229 -8.41 -8.63 4.44
N LEU A 230 -7.79 -7.51 4.05
CA LEU A 230 -6.70 -7.54 3.09
C LEU A 230 -5.39 -7.83 3.80
N THR A 231 -4.63 -8.79 3.26
CA THR A 231 -3.40 -9.25 3.88
C THR A 231 -2.36 -9.52 2.81
N PHE A 232 -1.10 -9.28 3.16
CA PHE A 232 0.00 -9.74 2.33
C PHE A 232 1.03 -10.45 3.21
N ASP A 233 2.09 -10.97 2.58
CA ASP A 233 3.06 -11.84 3.24
C ASP A 233 4.32 -11.03 3.51
N TYR A 234 4.44 -10.51 4.75
CA TYR A 234 5.62 -9.75 5.16
C TYR A 234 6.88 -10.53 4.83
N GLN A 235 7.85 -9.84 4.28
CA GLN A 235 9.13 -10.47 3.95
C GLN A 235 10.23 -9.51 4.30
N PHE A 236 10.16 -8.95 5.49
CA PHE A 236 11.17 -7.99 5.91
C PHE A 236 12.04 -8.58 7.02
N GLN A 237 13.31 -8.17 6.99
CA GLN A 237 14.32 -8.62 7.95
C GLN A 237 14.84 -7.40 8.70
N ARG A 238 14.52 -7.32 10.00
CA ARG A 238 15.06 -6.28 10.88
C ARG A 238 15.71 -6.96 12.09
N TYR A 239 14.91 -7.72 12.84
CA TYR A 239 15.38 -8.87 13.61
C TYR A 239 16.30 -8.55 14.79
N GLY A 240 16.47 -9.56 15.65
CA GLY A 240 16.99 -9.36 16.98
C GLY A 240 15.88 -9.26 18.02
N LYS A 241 15.30 -8.06 18.13
CA LYS A 241 14.35 -7.70 19.19
C LYS A 241 13.17 -8.66 19.34
N GLU A 242 13.44 -9.93 19.70
CA GLU A 242 12.41 -10.96 19.85
C GLU A 242 11.66 -11.20 18.54
N ALA A 243 10.77 -12.18 18.51
CA ALA A 243 9.93 -12.42 17.35
C ALA A 243 8.47 -12.34 17.76
N GLN A 244 7.64 -11.86 16.85
CA GLN A 244 6.21 -11.66 17.10
C GLN A 244 5.44 -12.88 16.62
N LYS A 245 4.56 -13.40 17.48
CA LYS A 245 3.70 -14.50 17.06
C LYS A 245 2.71 -14.01 16.01
N CYS A 246 2.30 -14.94 15.15
CA CYS A 246 1.39 -14.66 14.04
C CYS A 246 -0.02 -15.17 14.37
N PHE A 247 -0.99 -14.25 14.37
CA PHE A 247 -2.39 -14.59 14.61
C PHE A 247 -3.20 -14.59 13.31
N CYS A 248 -2.59 -15.01 12.19
CA CYS A 248 -3.34 -14.92 10.94
C CYS A 248 -4.43 -15.97 10.87
N GLY A 249 -4.27 -17.09 11.57
CA GLY A 249 -5.31 -18.09 11.59
C GLY A 249 -5.42 -18.90 10.32
N SER A 250 -4.35 -18.98 9.55
CA SER A 250 -4.37 -19.75 8.31
C SER A 250 -4.06 -21.21 8.59
N ALA A 251 -4.42 -22.06 7.61
CA ALA A 251 -4.25 -23.50 7.77
C ALA A 251 -2.78 -23.87 7.93
N ASN A 252 -1.88 -23.08 7.34
CA ASN A 252 -0.46 -23.39 7.22
C ASN A 252 0.39 -22.25 7.76
N CYS A 253 -0.02 -21.69 8.90
CA CYS A 253 0.65 -20.51 9.45
C CYS A 253 2.07 -20.85 9.88
N ARG A 254 3.04 -20.00 9.49
CA ARG A 254 4.43 -20.17 9.88
C ARG A 254 4.65 -20.08 11.39
N GLY A 255 3.69 -19.56 12.14
CA GLY A 255 3.81 -19.38 13.57
C GLY A 255 4.28 -18.00 14.02
N TYR A 256 5.17 -17.38 13.26
CA TYR A 256 5.74 -16.08 13.59
C TYR A 256 5.74 -15.20 12.35
N LEU A 257 6.11 -13.93 12.52
CA LEU A 257 6.23 -13.01 11.39
C LEU A 257 7.64 -13.02 10.81
#